data_7HAQ
#
_entry.id   7HAQ
#
_cell.length_a   66.110
_cell.length_b   89.590
_cell.length_c   100.260
_cell.angle_alpha   90.000
_cell.angle_beta   90.000
_cell.angle_gamma   90.000
#
_symmetry.space_group_name_H-M   'I 2 2 2'
#
loop_
_entity.id
_entity.type
_entity.pdbx_description
1 polymer 'Heat shock protein HSP 90-alpha'
2 non-polymer 2-phenyl-5-(trifluoromethyl)-1,2-dihydro-3H-pyrazol-3-one
3 water water
#
_entity_poly.entity_id   1
_entity_poly.type   'polypeptide(L)'
_entity_poly.pdbx_seq_one_letter_code
;MDQPMEEEEVETFAFQAEIAQLMSLIINTFYSNKEIFLRELISNSSDALDKIRYESLTDPSKLDSGKELHINLIPNKQDR
TLTIVDTGIGMTKADLINNLGTIAKSGTKAFMEALQAGADISMIGQFGVGFYSAYLVAEKVTVITKHNDDEQYAWESSAG
GSFTVRTDTGEPMGRGTKVILHLKEDQTEYLEERRIKEIVKKHSQFIGYPITLFVEKERDKEVSDDEAELEHHHHHH
;
_entity_poly.pdbx_strand_id   A
#
loop_
_chem_comp.id
_chem_comp.type
_chem_comp.name
_chem_comp.formula
A1AYU non-polymer 2-phenyl-5-(trifluoromethyl)-1,2-dihydro-3H-pyrazol-3-one 'C10 H7 F3 N2 O'
#
# COMPACT_ATOMS: atom_id res chain seq x y z
N GLU A 9 4.09 -14.07 18.37
CA GLU A 9 2.74 -14.64 18.25
C GLU A 9 2.07 -14.14 16.97
N VAL A 10 1.85 -15.05 16.01
CA VAL A 10 1.40 -14.72 14.66
C VAL A 10 0.01 -15.29 14.45
N GLU A 11 -0.92 -14.47 13.99
CA GLU A 11 -2.27 -14.92 13.66
C GLU A 11 -2.40 -15.03 12.15
N THR A 12 -2.93 -16.17 11.67
CA THR A 12 -3.12 -16.40 10.25
C THR A 12 -4.61 -16.37 9.94
N PHE A 13 -4.99 -15.60 8.95
CA PHE A 13 -6.37 -15.41 8.52
C PHE A 13 -6.55 -15.81 7.06
N ALA A 14 -7.74 -16.31 6.73
CA ALA A 14 -8.12 -16.48 5.32
C ALA A 14 -8.64 -15.18 4.74
N PHE A 15 -8.19 -14.83 3.51
CA PHE A 15 -8.91 -13.78 2.79
C PHE A 15 -10.35 -14.19 2.54
N GLN A 16 -11.25 -13.20 2.58
CA GLN A 16 -12.59 -13.42 2.04
C GLN A 16 -12.45 -13.90 0.60
N ALA A 17 -13.38 -14.73 0.19
CA ALA A 17 -13.24 -15.39 -1.10
C ALA A 17 -13.12 -14.40 -2.24
N GLU A 18 -13.85 -13.28 -2.16
CA GLU A 18 -13.84 -12.31 -3.23
C GLU A 18 -12.48 -11.61 -3.30
N ILE A 19 -11.80 -11.45 -2.17
CA ILE A 19 -10.51 -10.77 -2.20
C ILE A 19 -9.44 -11.74 -2.73
N ALA A 20 -9.55 -13.00 -2.35
CA ALA A 20 -8.64 -14.01 -2.91
C ALA A 20 -8.77 -14.03 -4.43
N GLN A 21 -9.99 -13.90 -4.94
CA GLN A 21 -10.21 -13.93 -6.37
C GLN A 21 -9.63 -12.70 -7.03
N LEU A 22 -9.79 -11.53 -6.40
CA LEU A 22 -9.17 -10.30 -6.91
C LEU A 22 -7.65 -10.46 -6.99
N MET A 23 -7.06 -11.00 -5.93
CA MET A 23 -5.62 -11.18 -5.92
C MET A 23 -5.17 -12.15 -6.99
N SER A 24 -5.86 -13.28 -7.17
CA SER A 24 -5.41 -14.19 -8.23
C SER A 24 -5.61 -13.59 -9.64
N LEU A 25 -6.65 -12.79 -9.85
CA LEU A 25 -6.80 -12.11 -11.13
C LEU A 25 -5.63 -11.16 -11.37
N ILE A 26 -5.23 -10.41 -10.34
CA ILE A 26 -4.11 -9.47 -10.50
C ILE A 26 -2.82 -10.22 -10.80
N ILE A 27 -2.63 -11.36 -10.15
CA ILE A 27 -1.41 -12.13 -10.32
C ILE A 27 -1.38 -12.86 -11.64
N ASN A 28 -2.53 -13.33 -12.14
CA ASN A 28 -2.54 -14.26 -13.26
C ASN A 28 -2.88 -13.63 -14.60
N THR A 29 -3.53 -12.46 -14.62
CA THR A 29 -3.90 -11.82 -15.88
C THR A 29 -2.67 -11.26 -16.58
N PHE A 30 -2.52 -11.58 -17.88
CA PHE A 30 -1.51 -10.90 -18.66
C PHE A 30 -1.86 -9.41 -18.80
N TYR A 31 -0.96 -8.54 -18.33
CA TYR A 31 -1.26 -7.12 -18.30
C TYR A 31 0.08 -6.40 -18.13
N SER A 32 0.54 -5.74 -19.18
CA SER A 32 1.92 -5.24 -19.21
C SER A 32 2.09 -3.94 -18.42
N ASN A 33 1.03 -3.16 -18.17
CA ASN A 33 1.14 -1.82 -17.59
C ASN A 33 1.22 -1.89 -16.06
N LYS A 34 2.27 -2.57 -15.57
CA LYS A 34 2.35 -2.84 -14.13
C LYS A 34 2.72 -1.61 -13.32
N GLU A 35 3.27 -0.58 -13.96
CA GLU A 35 3.84 0.52 -13.19
C GLU A 35 2.79 1.26 -12.39
N ILE A 36 1.51 1.11 -12.74
CA ILE A 36 0.45 1.80 -12.00
C ILE A 36 0.35 1.37 -10.54
N PHE A 37 1.00 0.27 -10.11
CA PHE A 37 0.97 -0.07 -8.68
C PHE A 37 1.48 1.11 -7.85
N LEU A 38 2.47 1.86 -8.37
CA LEU A 38 3.08 2.88 -7.50
C LEU A 38 2.14 4.06 -7.34
N ARG A 39 1.43 4.44 -8.42
CA ARG A 39 0.41 5.48 -8.35
C ARG A 39 -0.66 5.10 -7.34
N GLU A 40 -1.05 3.83 -7.32
CA GLU A 40 -2.12 3.43 -6.42
C GLU A 40 -1.67 3.49 -4.96
N LEU A 41 -0.45 3.05 -4.68
CA LEU A 41 0.02 3.09 -3.29
C LEU A 41 0.23 4.53 -2.84
N ILE A 42 0.80 5.37 -3.71
CA ILE A 42 1.00 6.76 -3.34
C ILE A 42 -0.35 7.43 -3.11
N SER A 43 -1.36 7.07 -3.91
CA SER A 43 -2.66 7.67 -3.72
C SER A 43 -3.25 7.23 -2.37
N ASN A 44 -3.03 5.97 -2.00
CA ASN A 44 -3.49 5.52 -0.68
C ASN A 44 -2.81 6.28 0.43
N SER A 45 -1.50 6.51 0.26
CA SER A 45 -0.74 7.27 1.26
C SER A 45 -1.29 8.69 1.36
N SER A 46 -1.58 9.32 0.20
CA SER A 46 -2.14 10.67 0.23
C SER A 46 -3.48 10.68 0.97
N ASP A 47 -4.34 9.66 0.74
CA ASP A 47 -5.62 9.62 1.42
C ASP A 47 -5.43 9.49 2.92
N ALA A 48 -4.43 8.69 3.34
CA ALA A 48 -4.12 8.53 4.77
C ALA A 48 -3.59 9.82 5.40
N LEU A 49 -2.79 10.55 4.64
CA LEU A 49 -2.27 11.83 5.12
C LEU A 49 -3.40 12.84 5.23
N ASP A 50 -4.33 12.86 4.25
CA ASP A 50 -5.48 13.77 4.34
C ASP A 50 -6.28 13.52 5.62
N LYS A 51 -6.41 12.23 6.01
CA LYS A 51 -7.23 11.90 7.16
C LYS A 51 -6.61 12.41 8.45
N ILE A 52 -5.30 12.23 8.64
CA ILE A 52 -4.73 12.74 9.89
C ILE A 52 -4.67 14.28 9.86
N ARG A 53 -4.46 14.89 8.67
CA ARG A 53 -4.52 16.34 8.61
C ARG A 53 -5.91 16.86 9.01
N TYR A 54 -6.98 16.22 8.52
CA TYR A 54 -8.31 16.69 8.88
C TYR A 54 -8.52 16.57 10.39
N GLU A 55 -8.10 15.45 10.97
CA GLU A 55 -8.33 15.28 12.40
C GLU A 55 -7.54 16.29 13.21
N SER A 56 -6.37 16.67 12.73
CA SER A 56 -5.55 17.65 13.44
C SER A 56 -6.12 19.05 13.38
N LEU A 57 -7.04 19.33 12.46
CA LEU A 57 -7.59 20.69 12.38
C LEU A 57 -8.35 21.04 13.64
N THR A 58 -9.01 20.05 14.25
CA THR A 58 -9.76 20.31 15.47
C THR A 58 -9.06 19.78 16.71
N ASP A 59 -7.97 19.05 16.55
CA ASP A 59 -7.26 18.45 17.70
C ASP A 59 -5.77 18.36 17.34
N PRO A 60 -5.00 19.42 17.61
CA PRO A 60 -3.58 19.38 17.24
C PRO A 60 -2.79 18.25 17.90
N SER A 61 -3.25 17.75 19.06
CA SER A 61 -2.52 16.66 19.70
C SER A 61 -2.51 15.39 18.88
N LYS A 62 -3.37 15.28 17.85
CA LYS A 62 -3.27 14.13 16.97
C LYS A 62 -1.93 14.07 16.26
N LEU A 63 -1.21 15.19 16.17
CA LEU A 63 0.10 15.17 15.54
C LEU A 63 1.23 15.06 16.56
N ASP A 64 0.93 14.74 17.81
CA ASP A 64 2.02 14.53 18.78
C ASP A 64 2.92 13.38 18.34
N SER A 65 2.41 12.46 17.54
CA SER A 65 3.12 11.30 17.03
C SER A 65 3.91 11.59 15.77
N GLY A 66 4.02 12.87 15.38
CA GLY A 66 4.75 13.22 14.20
C GLY A 66 4.07 14.35 13.47
N LYS A 67 4.71 15.52 13.40
CA LYS A 67 4.07 16.65 12.73
C LYS A 67 4.24 16.63 11.21
N GLU A 68 5.26 15.97 10.69
CA GLU A 68 5.51 16.05 9.25
C GLU A 68 4.64 15.10 8.47
N LEU A 69 4.00 15.60 7.43
CA LEU A 69 3.11 14.82 6.58
C LEU A 69 3.79 14.61 5.22
N HIS A 70 4.27 13.38 4.98
CA HIS A 70 5.06 13.17 3.78
C HIS A 70 5.05 11.70 3.40
N ILE A 71 5.66 11.43 2.24
CA ILE A 71 5.80 10.12 1.63
C ILE A 71 7.27 9.91 1.24
N ASN A 72 7.84 8.78 1.67
CA ASN A 72 9.20 8.40 1.27
C ASN A 72 9.11 7.14 0.41
N LEU A 73 9.93 7.09 -0.62
CA LEU A 73 10.08 5.90 -1.45
C LEU A 73 11.50 5.41 -1.26
N ILE A 74 11.63 4.17 -0.79
CA ILE A 74 12.92 3.65 -0.36
C ILE A 74 13.20 2.39 -1.13
N PRO A 75 14.01 2.44 -2.18
CA PRO A 75 14.46 1.23 -2.87
C PRO A 75 15.66 0.63 -2.15
N ASN A 76 15.74 -0.70 -2.17
CA ASN A 76 16.84 -1.45 -1.58
C ASN A 76 17.13 -2.63 -2.50
N LYS A 77 18.20 -2.52 -3.29
CA LYS A 77 18.50 -3.56 -4.26
C LYS A 77 19.05 -4.80 -3.60
N GLN A 78 19.67 -4.68 -2.42
CA GLN A 78 20.24 -5.87 -1.78
C GLN A 78 19.14 -6.78 -1.26
N ASP A 79 18.10 -6.20 -0.68
CA ASP A 79 16.92 -6.90 -0.17
C ASP A 79 15.87 -7.12 -1.25
N ARG A 80 16.03 -6.48 -2.41
CA ARG A 80 15.02 -6.48 -3.49
C ARG A 80 13.66 -5.99 -3.01
N THR A 81 13.65 -4.87 -2.28
CA THR A 81 12.42 -4.31 -1.77
C THR A 81 12.26 -2.87 -2.20
N LEU A 82 11.03 -2.48 -2.47
CA LEU A 82 10.66 -1.09 -2.59
C LEU A 82 9.68 -0.79 -1.46
N THR A 83 9.99 0.20 -0.63
CA THR A 83 9.17 0.52 0.52
C THR A 83 8.57 1.91 0.32
N ILE A 84 7.26 2.01 0.52
CA ILE A 84 6.53 3.28 0.44
C ILE A 84 6.14 3.61 1.86
N VAL A 85 6.67 4.68 2.43
CA VAL A 85 6.40 5.08 3.82
C VAL A 85 5.58 6.34 3.81
N ASP A 86 4.55 6.40 4.65
CA ASP A 86 3.82 7.66 4.81
C ASP A 86 3.57 7.89 6.29
N THR A 87 3.39 9.13 6.66
CA THR A 87 3.08 9.49 8.03
C THR A 87 1.61 9.86 8.15
N GLY A 88 0.75 9.11 7.48
CA GLY A 88 -0.66 9.37 7.59
C GLY A 88 -1.28 8.81 8.86
N ILE A 89 -2.60 8.63 8.79
CA ILE A 89 -3.34 8.26 10.01
C ILE A 89 -3.02 6.85 10.51
N GLY A 90 -2.51 5.94 9.67
CA GLY A 90 -2.23 4.59 10.12
C GLY A 90 -3.49 3.76 10.19
N MET A 91 -3.32 2.52 10.60
CA MET A 91 -4.42 1.55 10.64
C MET A 91 -4.38 0.85 11.98
N THR A 92 -5.57 0.63 12.55
CA THR A 92 -5.68 -0.23 13.73
C THR A 92 -5.58 -1.70 13.31
N LYS A 93 -5.44 -2.60 14.30
CA LYS A 93 -5.43 -4.03 14.01
C LYS A 93 -6.71 -4.43 13.30
N ALA A 94 -7.85 -3.89 13.77
CA ALA A 94 -9.12 -4.22 13.12
C ALA A 94 -9.13 -3.75 11.68
N ASP A 95 -8.58 -2.55 11.42
CA ASP A 95 -8.45 -2.07 10.03
C ASP A 95 -7.66 -3.06 9.17
N LEU A 96 -6.50 -3.52 9.69
CA LEU A 96 -5.68 -4.42 8.90
C LEU A 96 -6.44 -5.66 8.53
N ILE A 97 -7.12 -6.26 9.51
CA ILE A 97 -7.84 -7.50 9.26
C ILE A 97 -8.99 -7.25 8.28
N ASN A 98 -9.65 -6.11 8.40
CA ASN A 98 -10.77 -5.76 7.52
C ASN A 98 -10.24 -5.13 6.23
N ASN A 99 -9.44 -5.92 5.51
CA ASN A 99 -8.93 -5.56 4.19
C ASN A 99 -8.24 -4.21 4.16
N LEU A 100 -7.39 -3.99 5.15
CA LEU A 100 -6.54 -2.78 5.21
C LEU A 100 -7.38 -1.52 5.11
N GLY A 101 -8.48 -1.49 5.86
CA GLY A 101 -9.33 -0.30 5.92
C GLY A 101 -10.13 0.00 4.68
N THR A 102 -10.38 -1.01 3.82
CA THR A 102 -11.10 -0.82 2.57
C THR A 102 -12.43 -1.54 2.65
N ILE A 103 -13.34 -1.16 1.75
CA ILE A 103 -14.56 -1.92 1.55
C ILE A 103 -14.31 -2.86 0.37
N ALA A 104 -13.37 -3.79 0.56
CA ALA A 104 -12.82 -4.52 -0.57
C ALA A 104 -13.84 -5.49 -1.16
N LYS A 105 -14.76 -6.04 -0.37
CA LYS A 105 -15.73 -6.95 -0.99
C LYS A 105 -16.60 -6.21 -2.02
N SER A 106 -17.22 -5.09 -1.63
CA SER A 106 -18.03 -4.39 -2.60
C SER A 106 -17.19 -3.75 -3.69
N GLY A 107 -15.95 -3.32 -3.37
CA GLY A 107 -15.12 -2.74 -4.41
C GLY A 107 -14.68 -3.75 -5.44
N THR A 108 -14.33 -4.97 -4.99
CA THR A 108 -13.98 -6.02 -5.94
C THR A 108 -15.14 -6.36 -6.86
N LYS A 109 -16.34 -6.46 -6.29
CA LYS A 109 -17.54 -6.71 -7.08
C LYS A 109 -17.69 -5.67 -8.18
N ALA A 110 -17.58 -4.38 -7.83
CA ALA A 110 -17.72 -3.34 -8.85
C ALA A 110 -16.59 -3.42 -9.87
N PHE A 111 -15.37 -3.64 -9.39
CA PHE A 111 -14.22 -3.66 -10.30
C PHE A 111 -14.35 -4.77 -11.31
N MET A 112 -14.75 -5.95 -10.86
CA MET A 112 -14.77 -7.06 -11.80
C MET A 112 -15.93 -6.96 -12.77
N GLU A 113 -17.02 -6.29 -12.39
CA GLU A 113 -18.06 -5.97 -13.37
C GLU A 113 -17.51 -4.99 -14.42
N ALA A 114 -16.75 -4.01 -13.97
CA ALA A 114 -16.18 -3.04 -14.89
C ALA A 114 -15.24 -3.72 -15.88
N LEU A 115 -14.50 -4.73 -15.43
CA LEU A 115 -13.48 -5.35 -16.29
C LEU A 115 -14.12 -6.09 -17.44
N GLN A 116 -15.16 -6.85 -17.17
CA GLN A 116 -15.78 -7.55 -18.27
C GLN A 116 -16.64 -6.61 -19.10
N ALA A 117 -16.77 -5.35 -18.65
CA ALA A 117 -17.51 -4.29 -19.33
C ALA A 117 -16.57 -3.21 -19.88
N GLY A 118 -15.36 -3.61 -20.28
CA GLY A 118 -14.44 -2.75 -21.02
C GLY A 118 -13.18 -2.36 -20.26
N ALA A 119 -13.28 -2.18 -18.94
CA ALA A 119 -12.20 -1.58 -18.16
C ALA A 119 -10.94 -2.44 -18.22
N ASP A 120 -9.84 -1.85 -17.75
CA ASP A 120 -8.61 -2.61 -17.57
C ASP A 120 -8.10 -2.45 -16.14
N ILE A 121 -7.09 -3.27 -15.82
CA ILE A 121 -6.58 -3.28 -14.45
C ILE A 121 -6.13 -1.91 -13.98
N SER A 122 -5.78 -1.00 -14.90
CA SER A 122 -5.29 0.29 -14.43
C SER A 122 -6.37 1.11 -13.74
N MET A 123 -7.65 0.78 -13.89
CA MET A 123 -8.69 1.56 -13.25
C MET A 123 -9.02 1.07 -11.83
N ILE A 124 -8.22 0.18 -11.27
CA ILE A 124 -8.51 -0.46 -9.99
C ILE A 124 -8.75 0.54 -8.85
N GLY A 125 -8.06 1.67 -8.85
CA GLY A 125 -8.20 2.60 -7.74
C GLY A 125 -9.53 3.31 -7.71
N GLN A 126 -10.27 3.32 -8.82
CA GLN A 126 -11.62 3.87 -8.85
C GLN A 126 -12.60 3.02 -8.07
N PHE A 127 -12.19 1.82 -7.70
CA PHE A 127 -13.04 0.91 -6.95
C PHE A 127 -12.52 0.68 -5.53
N GLY A 128 -11.53 1.46 -5.09
CA GLY A 128 -11.19 1.42 -3.70
C GLY A 128 -10.34 0.24 -3.27
N VAL A 129 -9.82 -0.55 -4.21
CA VAL A 129 -8.99 -1.71 -3.92
C VAL A 129 -7.64 -1.60 -4.63
N GLY A 130 -7.12 -0.37 -4.81
CA GLY A 130 -5.83 -0.19 -5.44
C GLY A 130 -4.67 -0.81 -4.71
N PHE A 131 -4.77 -1.00 -3.39
CA PHE A 131 -3.67 -1.61 -2.65
C PHE A 131 -3.24 -2.91 -3.31
N TYR A 132 -4.22 -3.70 -3.78
CA TYR A 132 -3.92 -5.06 -4.22
C TYR A 132 -3.15 -5.06 -5.54
N SER A 133 -3.08 -3.92 -6.23
CA SER A 133 -2.20 -3.79 -7.40
C SER A 133 -0.73 -3.97 -7.03
N ALA A 134 -0.38 -3.90 -5.72
CA ALA A 134 0.98 -4.27 -5.31
C ALA A 134 1.40 -5.63 -5.86
N TYR A 135 0.41 -6.57 -6.00
CA TYR A 135 0.76 -7.93 -6.43
C TYR A 135 1.01 -8.02 -7.94
N LEU A 136 0.91 -6.90 -8.66
CA LEU A 136 1.47 -6.86 -10.01
C LEU A 136 2.99 -7.04 -10.01
N VAL A 137 3.66 -6.56 -8.95
CA VAL A 137 5.12 -6.50 -9.00
C VAL A 137 5.75 -7.20 -7.80
N ALA A 138 4.96 -7.54 -6.79
CA ALA A 138 5.51 -8.07 -5.54
C ALA A 138 5.07 -9.51 -5.34
N GLU A 139 6.05 -10.37 -4.99
CA GLU A 139 5.70 -11.73 -4.54
C GLU A 139 5.21 -11.78 -3.11
N LYS A 140 5.57 -10.80 -2.28
CA LYS A 140 5.16 -10.74 -0.89
C LYS A 140 5.02 -9.25 -0.55
N VAL A 141 3.99 -8.90 0.19
CA VAL A 141 3.79 -7.54 0.66
C VAL A 141 3.70 -7.55 2.16
N THR A 142 4.49 -6.69 2.82
CA THR A 142 4.46 -6.51 4.26
C THR A 142 3.99 -5.10 4.55
N VAL A 143 3.02 -4.94 5.42
CA VAL A 143 2.49 -3.62 5.76
C VAL A 143 2.72 -3.42 7.26
N ILE A 144 3.52 -2.41 7.63
CA ILE A 144 3.77 -2.07 9.02
C ILE A 144 2.98 -0.80 9.29
N THR A 145 2.24 -0.74 10.39
CA THR A 145 1.36 0.41 10.55
C THR A 145 1.24 0.76 12.02
N LYS A 146 1.01 2.05 12.28
CA LYS A 146 0.84 2.56 13.63
C LYS A 146 -0.21 3.66 13.57
N HIS A 147 -1.33 3.44 14.24
CA HIS A 147 -2.41 4.39 14.44
C HIS A 147 -2.30 4.97 15.84
N ASN A 148 -2.69 6.24 16.01
CA ASN A 148 -2.66 6.82 17.36
C ASN A 148 -3.41 5.95 18.38
N ASP A 149 -4.48 5.27 17.97
CA ASP A 149 -5.37 4.54 18.90
C ASP A 149 -5.00 3.06 19.07
N ASP A 150 -3.79 2.65 18.70
CA ASP A 150 -3.43 1.23 18.73
C ASP A 150 -1.90 1.08 18.76
N GLU A 151 -1.45 -0.16 18.86
CA GLU A 151 -0.04 -0.52 18.83
C GLU A 151 0.45 -0.68 17.40
N GLN A 152 1.75 -0.88 17.25
CA GLN A 152 2.32 -1.10 15.93
C GLN A 152 2.13 -2.56 15.50
N TYR A 153 1.58 -2.74 14.31
CA TYR A 153 1.27 -4.07 13.78
C TYR A 153 1.94 -4.29 12.44
N ALA A 154 2.22 -5.56 12.12
CA ALA A 154 2.67 -5.99 10.79
C ALA A 154 1.66 -6.96 10.18
N TRP A 155 1.16 -6.60 9.02
CA TRP A 155 0.39 -7.48 8.13
C TRP A 155 1.30 -8.02 7.03
N GLU A 156 1.10 -9.27 6.61
CA GLU A 156 1.91 -9.80 5.53
C GLU A 156 1.13 -10.81 4.71
N SER A 157 1.36 -10.85 3.40
CA SER A 157 0.73 -11.89 2.58
C SER A 157 1.57 -12.12 1.34
N SER A 158 1.75 -13.40 0.98
CA SER A 158 2.25 -13.81 -0.34
C SER A 158 1.11 -14.30 -1.20
N ALA A 159 -0.11 -13.82 -0.93
CA ALA A 159 -1.35 -14.28 -1.61
C ALA A 159 -1.55 -15.75 -1.24
N GLY A 160 -2.05 -16.58 -2.13
CA GLY A 160 -2.31 -17.95 -1.76
C GLY A 160 -3.43 -18.11 -0.76
N GLY A 161 -4.24 -17.08 -0.57
CA GLY A 161 -5.46 -17.22 0.21
C GLY A 161 -5.36 -16.81 1.67
N SER A 162 -4.18 -16.42 2.16
CA SER A 162 -4.09 -16.14 3.59
C SER A 162 -3.17 -14.95 3.79
N PHE A 163 -3.32 -14.35 4.96
CA PHE A 163 -2.45 -13.26 5.42
C PHE A 163 -2.19 -13.47 6.90
N THR A 164 -1.13 -12.84 7.38
CA THR A 164 -0.81 -12.90 8.79
C THR A 164 -0.86 -11.51 9.41
N VAL A 165 -1.13 -11.48 10.70
CA VAL A 165 -1.00 -10.24 11.49
C VAL A 165 -0.23 -10.57 12.76
N ARG A 166 0.72 -9.70 13.13
CA ARG A 166 1.43 -9.83 14.38
C ARG A 166 1.73 -8.44 14.93
N THR A 167 1.96 -8.38 16.25
CA THR A 167 2.50 -7.16 16.83
C THR A 167 3.91 -6.97 16.31
N ASP A 168 4.25 -5.75 15.94
CA ASP A 168 5.55 -5.50 15.35
C ASP A 168 6.52 -5.03 16.43
N THR A 169 7.59 -5.78 16.60
CA THR A 169 8.69 -5.47 17.48
C THR A 169 9.81 -4.72 16.76
N GLY A 170 9.64 -4.46 15.46
CA GLY A 170 10.59 -3.73 14.68
C GLY A 170 10.76 -2.28 15.12
N GLU A 171 11.48 -1.55 14.31
CA GLU A 171 11.74 -0.15 14.58
C GLU A 171 10.45 0.64 14.76
N PRO A 172 10.25 1.34 15.88
CA PRO A 172 8.98 2.05 16.06
C PRO A 172 8.80 3.18 15.04
N MET A 173 7.57 3.34 14.56
CA MET A 173 7.27 4.22 13.42
C MET A 173 6.72 5.58 13.80
N GLY A 174 6.11 5.72 14.95
CA GLY A 174 5.58 7.05 15.32
C GLY A 174 4.10 7.12 14.97
N ARG A 175 3.81 7.13 13.67
CA ARG A 175 2.45 7.10 13.16
C ARG A 175 2.54 6.96 11.65
N GLY A 176 1.72 6.09 11.07
CA GLY A 176 1.65 6.02 9.62
C GLY A 176 1.70 4.59 9.15
N THR A 177 2.04 4.41 7.87
CA THR A 177 2.05 3.09 7.27
C THR A 177 3.27 2.94 6.40
N LYS A 178 3.85 1.75 6.41
CA LYS A 178 4.99 1.40 5.55
C LYS A 178 4.57 0.19 4.75
N VAL A 179 4.61 0.28 3.42
CA VAL A 179 4.28 -0.86 2.55
C VAL A 179 5.59 -1.33 1.97
N ILE A 180 5.99 -2.55 2.32
CA ILE A 180 7.25 -3.12 1.86
C ILE A 180 6.92 -4.09 0.76
N LEU A 181 7.34 -3.81 -0.47
CA LEU A 181 7.11 -4.67 -1.62
C LEU A 181 8.34 -5.54 -1.81
N HIS A 182 8.19 -6.85 -1.63
CA HIS A 182 9.25 -7.81 -1.94
C HIS A 182 9.09 -8.14 -3.42
N LEU A 183 9.91 -7.51 -4.26
CA LEU A 183 9.64 -7.58 -5.70
C LEU A 183 9.92 -8.93 -6.32
N LYS A 184 9.11 -9.24 -7.36
CA LYS A 184 9.36 -10.41 -8.20
C LYS A 184 10.71 -10.25 -8.90
N GLU A 185 11.35 -11.39 -9.19
CA GLU A 185 12.71 -11.39 -9.76
C GLU A 185 12.77 -10.59 -11.04
N ASP A 186 11.71 -10.57 -11.83
CA ASP A 186 11.74 -9.89 -13.12
C ASP A 186 11.16 -8.48 -13.07
N GLN A 187 10.93 -7.92 -11.87
CA GLN A 187 10.34 -6.61 -11.68
C GLN A 187 11.32 -5.66 -10.99
N THR A 188 12.61 -5.90 -11.14
CA THR A 188 13.57 -5.06 -10.41
C THR A 188 13.81 -3.70 -11.04
N GLU A 189 13.22 -3.42 -12.20
CA GLU A 189 13.27 -2.06 -12.74
C GLU A 189 12.70 -1.04 -11.77
N TYR A 190 11.76 -1.44 -10.89
CA TYR A 190 11.14 -0.49 -9.96
C TYR A 190 12.02 -0.20 -8.75
N LEU A 191 13.27 -0.69 -8.74
CA LEU A 191 14.28 -0.23 -7.80
C LEU A 191 15.21 0.80 -8.41
N GLU A 192 15.10 1.07 -9.70
CA GLU A 192 16.04 1.96 -10.37
C GLU A 192 15.52 3.40 -10.26
N GLU A 193 16.42 4.30 -9.87
CA GLU A 193 16.04 5.69 -9.61
C GLU A 193 15.34 6.32 -10.82
N ARG A 194 15.91 6.16 -12.02
CA ARG A 194 15.31 6.87 -13.15
C ARG A 194 13.92 6.31 -13.46
N ARG A 195 13.70 5.01 -13.25
CA ARG A 195 12.39 4.43 -13.51
C ARG A 195 11.36 4.93 -12.48
N ILE A 196 11.73 4.96 -11.19
CA ILE A 196 10.82 5.45 -10.17
C ILE A 196 10.48 6.93 -10.41
N LYS A 197 11.51 7.73 -10.75
CA LYS A 197 11.27 9.15 -11.01
C LYS A 197 10.28 9.33 -12.16
N GLU A 198 10.46 8.55 -13.24
CA GLU A 198 9.57 8.62 -14.38
C GLU A 198 8.13 8.32 -13.98
N ILE A 199 7.94 7.29 -13.18
CA ILE A 199 6.57 6.88 -12.80
C ILE A 199 5.92 7.94 -11.92
N VAL A 200 6.67 8.48 -10.94
CA VAL A 200 6.11 9.51 -10.09
C VAL A 200 5.73 10.74 -10.89
N LYS A 201 6.59 11.16 -11.83
CA LYS A 201 6.27 12.34 -12.62
C LYS A 201 5.06 12.09 -13.52
N LYS A 202 4.95 10.87 -14.09
CA LYS A 202 3.84 10.54 -15.00
C LYS A 202 2.48 10.51 -14.29
N HIS A 203 2.44 9.84 -13.14
CA HIS A 203 1.16 9.48 -12.53
C HIS A 203 0.88 10.15 -11.19
N SER A 204 1.86 10.79 -10.55
CA SER A 204 1.66 11.30 -9.19
C SER A 204 2.07 12.78 -9.09
N GLN A 205 1.93 13.52 -10.18
CA GLN A 205 2.50 14.87 -10.18
C GLN A 205 1.68 15.86 -9.36
N PHE A 206 0.41 15.56 -9.05
CA PHE A 206 -0.44 16.46 -8.28
C PHE A 206 -0.74 15.92 -6.87
N ILE A 207 0.12 15.08 -6.33
CA ILE A 207 -0.02 14.66 -4.94
C ILE A 207 0.45 15.79 -4.02
N GLY A 208 -0.38 16.14 -3.04
CA GLY A 208 -0.15 17.34 -2.24
C GLY A 208 0.73 17.17 -1.02
N TYR A 209 1.69 16.25 -1.08
CA TYR A 209 2.60 15.98 0.03
C TYR A 209 3.94 15.74 -0.61
N PRO A 210 5.04 16.03 0.08
CA PRO A 210 6.36 15.78 -0.49
C PRO A 210 6.62 14.29 -0.63
N ILE A 211 7.16 13.90 -1.77
CA ILE A 211 7.50 12.51 -2.09
C ILE A 211 9.00 12.53 -2.26
N THR A 212 9.71 11.88 -1.33
CA THR A 212 11.17 11.89 -1.37
C THR A 212 11.63 10.52 -1.82
N LEU A 213 12.36 10.47 -2.92
CA LEU A 213 12.96 9.22 -3.40
C LEU A 213 14.37 9.10 -2.82
N PHE A 214 14.53 8.14 -1.89
CA PHE A 214 15.84 7.89 -1.30
C PHE A 214 16.79 7.28 -2.34
N VAL A 215 18.08 7.56 -2.20
CA VAL A 215 19.07 6.94 -3.06
C VAL A 215 19.85 5.91 -2.28
N GLU A 216 20.58 5.07 -2.99
CA GLU A 216 21.32 3.97 -2.38
C GLU A 216 22.80 4.20 -2.48
N LYS A 217 23.53 3.69 -1.47
CA LYS A 217 25.00 3.66 -1.43
C LYS A 217 25.69 3.17 -2.74
C1 A1AYU B . -2.06 0.86 1.65
C2 A1AYU B . -2.15 2.03 2.53
C10 A1AYU B . -5.09 4.92 3.95
C3 A1AYU B . -1.17 2.94 2.81
C4 A1AYU B . -1.75 3.88 3.63
C5 A1AYU B . -4.12 4.14 4.57
C6 A1AYU B . -4.12 3.96 5.96
C7 A1AYU B . -5.12 4.55 6.71
C8 A1AYU B . -6.09 5.36 6.08
C9 A1AYU B . -6.07 5.55 4.72
F1 A1AYU B . -1.49 1.18 0.49
F2 A1AYU B . -1.33 -0.11 2.23
F3 A1AYU B . -3.26 0.38 1.45
N1 A1AYU B . -3.08 3.51 3.81
N2 A1AYU B . -3.32 2.38 3.08
O1 A1AYU B . -1.27 4.86 4.17
#